data_8XEU
#
_entry.id   8XEU
#
_cell.length_a   60.490
_cell.length_b   62.916
_cell.length_c   67.064
_cell.angle_alpha   90.000
_cell.angle_beta   90.000
_cell.angle_gamma   90.000
#
_symmetry.space_group_name_H-M   'P 21 21 21'
#
loop_
_entity.id
_entity.type
_entity.pdbx_description
1 polymer 'Iron-hydroxamate ABC transporter substrate-binding protein FtsB'
2 non-polymer FERRICHROME
3 water water
#
_entity_poly.entity_id   1
_entity_poly.type   'polypeptide(L)'
_entity_poly.pdbx_seq_one_letter_code
;SNTASKSLSPMPQIAGVTYYGDIPKQPKRVVSLASTYTGYLKKLDMNLVGVTSYDKKNPILAKTVKKAKQVAATDLEAIT
TLKPDLIVVGSTEENIKQLAEIAPVISIEYRKRDYLQVLSDFGRIFNKEGKAKKWLKDWKTKTAAYEKEVKAVTGDKATF
TIMGLYEKDVYLFGKDWGRGGEIIHQAFHYDAPEKVKTEVFKQGYLSLSQEVLPDYIGDYVVIAAEDDKTGSALYESKLW
QSIPAVKKHHVIKVNANVFYFTDPLSLEYQLETLREAILSSEN
;
_entity_poly.pdbx_strand_id   A
#
# COMPACT_ATOMS: atom_id res chain seq x y z
N LEU A 8 5.09 -11.27 -27.30
CA LEU A 8 4.90 -12.16 -26.10
C LEU A 8 5.89 -11.80 -24.98
N SER A 9 5.43 -11.55 -23.73
CA SER A 9 6.31 -11.26 -22.56
C SER A 9 7.23 -12.46 -22.35
N PRO A 10 8.48 -12.29 -21.88
CA PRO A 10 9.28 -13.40 -21.38
C PRO A 10 8.61 -14.19 -20.24
N MET A 11 7.61 -13.59 -19.61
CA MET A 11 6.82 -14.22 -18.52
C MET A 11 7.76 -14.97 -17.58
N PRO A 12 8.68 -14.25 -16.89
CA PRO A 12 9.59 -14.88 -15.95
C PRO A 12 8.84 -15.55 -14.82
N GLN A 13 9.42 -16.62 -14.27
CA GLN A 13 8.92 -17.28 -13.04
C GLN A 13 9.30 -16.44 -11.82
N ILE A 14 8.31 -15.89 -11.15
CA ILE A 14 8.50 -15.01 -9.95
C ILE A 14 7.52 -15.46 -8.88
N ALA A 15 7.99 -15.67 -7.64
CA ALA A 15 7.10 -16.06 -6.52
C ALA A 15 5.90 -15.12 -6.46
N GLY A 16 4.70 -15.70 -6.37
CA GLY A 16 3.44 -14.94 -6.23
C GLY A 16 2.81 -14.55 -7.54
N VAL A 17 3.48 -14.78 -8.66
CA VAL A 17 3.01 -14.26 -9.98
C VAL A 17 2.47 -15.45 -10.76
N THR A 18 1.18 -15.45 -11.09
CA THR A 18 0.58 -16.48 -11.98
C THR A 18 0.07 -15.82 -13.26
N TYR A 19 0.46 -16.37 -14.40
CA TYR A 19 0.02 -15.88 -15.72
C TYR A 19 -1.14 -16.76 -16.17
N TYR A 20 -2.17 -16.16 -16.76
CA TYR A 20 -3.23 -16.90 -17.49
C TYR A 20 -3.18 -16.37 -18.90
N GLY A 21 -2.83 -17.21 -19.87
CA GLY A 21 -2.70 -16.77 -21.26
C GLY A 21 -1.34 -16.18 -21.55
N ASP A 22 -1.22 -15.65 -22.75
CA ASP A 22 0.04 -15.10 -23.30
C ASP A 22 0.07 -13.62 -22.95
N ILE A 23 0.91 -13.26 -22.00
CA ILE A 23 1.07 -11.84 -21.61
C ILE A 23 1.73 -11.15 -22.78
N PRO A 24 1.14 -10.05 -23.31
CA PRO A 24 1.75 -9.32 -24.42
C PRO A 24 3.07 -8.67 -24.00
N LYS A 25 4.05 -8.58 -24.91
CA LYS A 25 5.37 -7.94 -24.63
C LYS A 25 5.14 -6.50 -24.18
N GLN A 26 4.33 -5.74 -24.94
CA GLN A 26 4.04 -4.30 -24.68
C GLN A 26 2.53 -4.09 -24.56
N PRO A 27 1.93 -4.37 -23.40
CA PRO A 27 0.48 -4.18 -23.26
C PRO A 27 0.10 -2.73 -23.55
N LYS A 28 -0.92 -2.53 -24.37
CA LYS A 28 -1.44 -1.21 -24.81
C LYS A 28 -2.60 -0.72 -23.94
N ARG A 29 -3.39 -1.62 -23.37
CA ARG A 29 -4.72 -1.29 -22.78
C ARG A 29 -4.91 -2.18 -21.54
N VAL A 30 -4.37 -1.72 -20.42
CA VAL A 30 -4.32 -2.49 -19.15
C VAL A 30 -5.54 -2.15 -18.31
N VAL A 31 -6.23 -3.18 -17.80
CA VAL A 31 -7.26 -3.00 -16.74
C VAL A 31 -6.65 -3.51 -15.44
N SER A 32 -6.58 -2.65 -14.43
CA SER A 32 -6.06 -3.02 -13.10
C SER A 32 -7.26 -3.26 -12.21
N LEU A 33 -7.46 -4.48 -11.73
CA LEU A 33 -8.52 -4.72 -10.73
C LEU A 33 -7.93 -4.91 -9.34
N ALA A 34 -6.65 -4.59 -9.16
CA ALA A 34 -5.98 -4.69 -7.85
C ALA A 34 -5.40 -3.31 -7.49
N SER A 35 -6.08 -2.65 -6.57
CA SER A 35 -5.62 -1.36 -5.98
C SER A 35 -4.19 -1.47 -5.49
N THR A 36 -3.76 -2.66 -5.07
CA THR A 36 -2.41 -2.92 -4.54
C THR A 36 -1.36 -2.62 -5.62
N TYR A 37 -1.70 -2.78 -6.90
CA TYR A 37 -0.68 -2.76 -8.00
C TYR A 37 -0.93 -1.63 -8.98
N THR A 38 -2.10 -1.01 -9.00
CA THR A 38 -2.38 0.03 -10.00
C THR A 38 -1.24 1.05 -10.12
N GLY A 39 -0.76 1.62 -9.01
CA GLY A 39 0.25 2.69 -9.03
C GLY A 39 1.61 2.19 -9.52
N TYR A 40 1.88 0.90 -9.34
CA TYR A 40 3.14 0.31 -9.86
C TYR A 40 3.09 0.34 -11.39
N LEU A 41 1.93 -0.02 -11.94
CA LEU A 41 1.73 0.00 -13.42
C LEU A 41 1.86 1.47 -13.88
N LYS A 42 1.23 2.40 -13.16
CA LYS A 42 1.27 3.83 -13.55
C LYS A 42 2.72 4.33 -13.48
N LYS A 43 3.46 3.93 -12.46
CA LYS A 43 4.85 4.39 -12.33
C LYS A 43 5.68 3.91 -13.53
N LEU A 44 5.36 2.72 -14.08
CA LEU A 44 6.07 2.16 -15.25
C LEU A 44 5.47 2.70 -16.57
N ASP A 45 4.63 3.74 -16.48
CA ASP A 45 3.94 4.45 -17.61
C ASP A 45 3.18 3.46 -18.48
N MET A 46 2.52 2.49 -17.88
CA MET A 46 1.64 1.60 -18.66
C MET A 46 0.29 2.31 -18.85
N ASN A 47 -0.42 1.97 -19.91
CA ASN A 47 -1.68 2.67 -20.28
C ASN A 47 -2.86 1.97 -19.60
N LEU A 48 -3.45 2.60 -18.58
CA LEU A 48 -4.50 2.01 -17.74
C LEU A 48 -5.85 2.50 -18.26
N VAL A 49 -6.63 1.62 -18.85
CA VAL A 49 -7.97 2.02 -19.36
C VAL A 49 -9.06 1.65 -18.35
N GLY A 50 -8.76 0.81 -17.38
CA GLY A 50 -9.61 0.53 -16.23
C GLY A 50 -8.83 0.46 -14.93
N VAL A 51 -9.44 0.92 -13.83
CA VAL A 51 -8.84 0.90 -12.46
C VAL A 51 -9.95 0.72 -11.42
N THR A 52 -9.60 0.53 -10.14
CA THR A 52 -10.58 0.20 -9.10
C THR A 52 -11.16 1.50 -8.53
N SER A 53 -12.25 1.33 -7.80
CA SER A 53 -12.82 2.40 -6.96
C SER A 53 -11.71 2.96 -6.03
N TYR A 54 -10.90 2.13 -5.40
CA TYR A 54 -9.83 2.60 -4.48
C TYR A 54 -8.86 3.55 -5.21
N ASP A 55 -8.49 3.19 -6.43
CA ASP A 55 -7.58 3.99 -7.29
C ASP A 55 -8.25 5.33 -7.58
N LYS A 56 -9.54 5.36 -7.95
CA LYS A 56 -10.25 6.64 -8.23
C LYS A 56 -10.28 7.53 -6.97
N LYS A 57 -10.29 6.91 -5.79
CA LYS A 57 -10.41 7.60 -4.48
C LYS A 57 -9.04 7.95 -3.86
N ASN A 58 -7.97 7.44 -4.43
CA ASN A 58 -6.57 7.69 -3.97
C ASN A 58 -6.14 9.05 -4.48
N PRO A 59 -6.04 10.06 -3.60
CA PRO A 59 -5.84 11.45 -4.05
C PRO A 59 -4.49 11.68 -4.72
N ILE A 60 -3.56 10.73 -4.57
CA ILE A 60 -2.26 10.86 -5.26
C ILE A 60 -2.39 10.19 -6.64
N LEU A 61 -3.06 9.05 -6.74
CA LEU A 61 -3.08 8.30 -8.03
C LEU A 61 -4.14 8.84 -8.98
N ALA A 62 -5.25 9.34 -8.46
CA ALA A 62 -6.48 9.58 -9.27
C ALA A 62 -6.21 10.57 -10.39
N LYS A 63 -5.32 11.53 -10.12
CA LYS A 63 -4.94 12.60 -11.07
C LYS A 63 -4.50 11.95 -12.39
N THR A 64 -3.79 10.83 -12.27
CA THR A 64 -2.99 10.15 -13.34
C THR A 64 -3.89 9.15 -14.09
N VAL A 65 -5.07 8.82 -13.56
CA VAL A 65 -5.96 7.77 -14.12
C VAL A 65 -7.37 8.33 -14.33
N LYS A 66 -7.49 9.65 -14.53
CA LYS A 66 -8.79 10.31 -14.72
C LYS A 66 -9.52 9.62 -15.88
N LYS A 67 -8.77 9.24 -16.91
CA LYS A 67 -9.35 8.74 -18.18
C LYS A 67 -9.78 7.29 -18.06
N ALA A 68 -9.20 6.57 -17.12
CA ALA A 68 -9.55 5.15 -16.91
C ALA A 68 -10.98 5.04 -16.39
N LYS A 69 -11.68 3.98 -16.76
CA LYS A 69 -13.03 3.68 -16.24
C LYS A 69 -12.93 2.93 -14.91
N GLN A 70 -13.77 3.30 -13.95
CA GLN A 70 -13.86 2.57 -12.69
C GLN A 70 -14.54 1.22 -12.92
N VAL A 71 -13.83 0.14 -12.61
CA VAL A 71 -14.32 -1.25 -12.78
C VAL A 71 -13.94 -2.07 -11.57
N ALA A 72 -14.79 -3.02 -11.24
CA ALA A 72 -14.54 -4.13 -10.31
C ALA A 72 -14.57 -5.44 -11.12
N ALA A 73 -14.09 -6.54 -10.52
CA ALA A 73 -14.10 -7.86 -11.19
C ALA A 73 -15.54 -8.28 -11.56
N THR A 74 -16.55 -7.67 -10.97
CA THR A 74 -18.00 -7.95 -11.19
C THR A 74 -18.55 -7.19 -12.40
N ASP A 75 -17.74 -6.37 -13.04
CA ASP A 75 -18.21 -5.58 -14.23
C ASP A 75 -17.66 -6.23 -15.50
N LEU A 76 -17.98 -7.50 -15.72
CA LEU A 76 -17.35 -8.27 -16.83
C LEU A 76 -17.69 -7.62 -18.16
N GLU A 77 -18.94 -7.24 -18.41
CA GLU A 77 -19.30 -6.68 -19.73
CA GLU A 77 -19.32 -6.66 -19.72
C GLU A 77 -18.55 -5.35 -19.91
N ALA A 78 -18.48 -4.53 -18.87
CA ALA A 78 -17.79 -3.22 -18.94
C ALA A 78 -16.31 -3.44 -19.23
N ILE A 79 -15.73 -4.49 -18.64
CA ILE A 79 -14.31 -4.82 -18.88
C ILE A 79 -14.12 -5.27 -20.33
N THR A 80 -15.02 -6.10 -20.87
CA THR A 80 -14.98 -6.57 -22.28
C THR A 80 -15.00 -5.34 -23.18
N THR A 81 -15.85 -4.36 -22.87
CA THR A 81 -16.03 -3.16 -23.71
C THR A 81 -14.75 -2.29 -23.69
N LEU A 82 -13.94 -2.32 -22.63
CA LEU A 82 -12.63 -1.60 -22.61
C LEU A 82 -11.59 -2.26 -23.53
N LYS A 83 -11.84 -3.48 -24.01
CA LYS A 83 -10.94 -4.20 -24.96
C LYS A 83 -9.51 -4.25 -24.42
N PRO A 84 -9.31 -4.75 -23.20
CA PRO A 84 -7.96 -4.77 -22.65
C PRO A 84 -7.13 -5.84 -23.35
N ASP A 85 -5.83 -5.66 -23.36
CA ASP A 85 -4.89 -6.72 -23.79
C ASP A 85 -4.17 -7.29 -22.56
N LEU A 86 -4.49 -6.79 -21.38
CA LEU A 86 -4.00 -7.34 -20.08
C LEU A 86 -4.95 -6.94 -18.95
N ILE A 87 -5.21 -7.85 -18.03
CA ILE A 87 -5.93 -7.63 -16.75
C ILE A 87 -4.99 -8.03 -15.62
N VAL A 88 -4.84 -7.15 -14.64
CA VAL A 88 -4.00 -7.42 -13.42
C VAL A 88 -4.93 -7.57 -12.24
N VAL A 89 -4.80 -8.66 -11.51
CA VAL A 89 -5.69 -8.98 -10.35
C VAL A 89 -4.85 -9.44 -9.18
N GLY A 90 -5.43 -9.30 -7.99
CA GLY A 90 -5.00 -10.02 -6.78
C GLY A 90 -5.52 -11.44 -6.82
N SER A 91 -4.74 -12.38 -6.30
CA SER A 91 -5.07 -13.82 -6.35
C SER A 91 -6.37 -14.13 -5.60
N THR A 92 -6.87 -13.23 -4.77
CA THR A 92 -8.07 -13.39 -3.93
C THR A 92 -9.33 -13.10 -4.72
N GLU A 93 -9.16 -12.53 -5.91
CA GLU A 93 -10.28 -11.95 -6.67
C GLU A 93 -11.22 -13.06 -7.14
N GLU A 94 -12.49 -12.66 -7.25
CA GLU A 94 -13.56 -13.44 -7.90
C GLU A 94 -13.42 -13.29 -9.43
N ASN A 95 -13.92 -14.29 -10.11
CA ASN A 95 -14.21 -14.25 -11.57
C ASN A 95 -12.89 -14.36 -12.35
N ILE A 96 -11.79 -14.88 -11.77
CA ILE A 96 -10.51 -14.91 -12.55
C ILE A 96 -10.66 -15.75 -13.80
N LYS A 97 -11.33 -16.91 -13.72
CA LYS A 97 -11.59 -17.74 -14.92
C LYS A 97 -12.28 -16.89 -16.00
N GLN A 98 -13.29 -16.10 -15.63
CA GLN A 98 -14.08 -15.26 -16.56
C GLN A 98 -13.18 -14.12 -17.06
N LEU A 99 -12.34 -13.56 -16.17
CA LEU A 99 -11.46 -12.44 -16.64
C LEU A 99 -10.48 -12.99 -17.69
N ALA A 100 -9.97 -14.19 -17.53
CA ALA A 100 -8.94 -14.76 -18.43
C ALA A 100 -9.55 -14.99 -19.81
N GLU A 101 -10.87 -15.17 -19.89
CA GLU A 101 -11.61 -15.33 -21.17
C GLU A 101 -11.73 -13.98 -21.87
N ILE A 102 -11.46 -12.89 -21.18
CA ILE A 102 -11.52 -11.55 -21.80
C ILE A 102 -10.13 -11.17 -22.30
N ALA A 103 -9.11 -11.36 -21.47
CA ALA A 103 -7.73 -10.97 -21.83
C ALA A 103 -6.78 -11.82 -21.01
N PRO A 104 -5.50 -11.87 -21.39
CA PRO A 104 -4.48 -12.40 -20.51
C PRO A 104 -4.52 -11.76 -19.12
N VAL A 105 -4.27 -12.59 -18.10
CA VAL A 105 -4.31 -12.16 -16.69
C VAL A 105 -2.95 -12.36 -16.03
N ILE A 106 -2.52 -11.35 -15.31
CA ILE A 106 -1.48 -11.51 -14.25
C ILE A 106 -2.17 -11.46 -12.90
N SER A 107 -2.03 -12.54 -12.16
CA SER A 107 -2.62 -12.70 -10.82
C SER A 107 -1.50 -12.72 -9.80
N ILE A 108 -1.54 -11.79 -8.84
CA ILE A 108 -0.43 -11.65 -7.87
C ILE A 108 -0.94 -12.09 -6.48
N GLU A 109 -0.28 -13.09 -5.89
CA GLU A 109 -0.58 -13.55 -4.52
C GLU A 109 0.14 -12.59 -3.59
N TYR A 110 -0.59 -11.87 -2.76
CA TYR A 110 -0.02 -10.81 -1.90
C TYR A 110 1.08 -11.35 -0.98
N ARG A 111 2.15 -10.58 -0.85
CA ARG A 111 3.20 -10.74 0.20
C ARG A 111 4.29 -11.74 -0.19
N LYS A 112 4.24 -12.35 -1.37
CA LYS A 112 5.28 -13.32 -1.78
C LYS A 112 6.52 -12.55 -2.23
N ARG A 113 6.33 -11.31 -2.62
CA ARG A 113 7.42 -10.37 -2.99
C ARG A 113 7.17 -9.07 -2.26
N ASP A 114 8.22 -8.37 -1.84
CA ASP A 114 8.04 -7.22 -0.92
C ASP A 114 7.75 -5.97 -1.73
N TYR A 115 7.45 -4.87 -1.04
CA TYR A 115 6.88 -3.65 -1.63
C TYR A 115 7.80 -3.07 -2.72
N LEU A 116 9.11 -3.32 -2.65
CA LEU A 116 10.08 -2.81 -3.63
C LEU A 116 10.24 -3.83 -4.78
N GLN A 117 10.33 -5.12 -4.43
CA GLN A 117 10.50 -6.21 -5.42
C GLN A 117 9.34 -6.19 -6.41
N VAL A 118 8.13 -5.85 -5.94
CA VAL A 118 6.91 -5.88 -6.80
C VAL A 118 7.19 -4.95 -7.99
N LEU A 119 7.84 -3.80 -7.80
CA LEU A 119 8.12 -2.89 -8.93
C LEU A 119 9.13 -3.49 -9.93
N SER A 120 10.28 -3.92 -9.45
CA SER A 120 11.33 -4.51 -10.33
C SER A 120 10.77 -5.78 -11.00
N ASP A 121 9.88 -6.50 -10.32
CA ASP A 121 9.20 -7.67 -10.91
C ASP A 121 8.36 -7.22 -12.11
N PHE A 122 7.53 -6.18 -11.97
CA PHE A 122 6.74 -5.68 -13.12
C PHE A 122 7.70 -5.20 -14.23
N GLY A 123 8.82 -4.58 -13.85
CA GLY A 123 9.90 -4.18 -14.77
C GLY A 123 10.35 -5.34 -15.63
N ARG A 124 10.58 -6.51 -15.01
CA ARG A 124 11.02 -7.74 -15.72
C ARG A 124 9.91 -8.25 -16.67
N ILE A 125 8.67 -8.19 -16.23
CA ILE A 125 7.51 -8.75 -17.01
C ILE A 125 7.28 -7.86 -18.24
N PHE A 126 7.46 -6.54 -18.11
CA PHE A 126 6.92 -5.56 -19.08
C PHE A 126 8.02 -4.81 -19.83
N ASN A 127 9.27 -5.24 -19.64
CA ASN A 127 10.44 -4.63 -20.32
C ASN A 127 10.53 -3.18 -19.89
N LYS A 128 10.41 -2.90 -18.60
CA LYS A 128 10.51 -1.53 -18.02
C LYS A 128 11.50 -1.54 -16.87
N GLU A 129 12.54 -2.35 -16.96
CA GLU A 129 13.53 -2.58 -15.87
C GLU A 129 14.38 -1.32 -15.61
N GLY A 130 14.64 -0.51 -16.64
CA GLY A 130 15.26 0.82 -16.51
C GLY A 130 14.48 1.74 -15.58
N LYS A 131 13.16 1.93 -15.83
CA LYS A 131 12.32 2.86 -15.04
C LYS A 131 12.29 2.35 -13.60
N ALA A 132 12.10 1.04 -13.43
CA ALA A 132 12.02 0.42 -12.09
C ALA A 132 13.32 0.70 -11.34
N LYS A 133 14.46 0.60 -12.01
CA LYS A 133 15.79 0.72 -11.36
C LYS A 133 16.05 2.17 -10.96
N LYS A 134 15.69 3.14 -11.81
CA LYS A 134 15.88 4.60 -11.55
C LYS A 134 15.07 4.99 -10.30
N TRP A 135 13.84 4.52 -10.19
CA TRP A 135 13.02 4.83 -8.98
C TRP A 135 13.63 4.15 -7.75
N LEU A 136 14.01 2.88 -7.83
CA LEU A 136 14.48 2.16 -6.63
C LEU A 136 15.78 2.83 -6.16
N LYS A 137 16.62 3.33 -7.08
CA LYS A 137 17.90 4.02 -6.77
C LYS A 137 17.59 5.29 -5.95
N ASP A 138 16.62 6.08 -6.41
CA ASP A 138 16.26 7.37 -5.78
C ASP A 138 15.57 7.07 -4.46
N TRP A 139 14.69 6.07 -4.40
CA TRP A 139 14.05 5.65 -3.13
C TRP A 139 15.13 5.25 -2.13
N LYS A 140 16.14 4.55 -2.60
CA LYS A 140 17.19 4.09 -1.66
C LYS A 140 17.89 5.33 -1.09
N THR A 141 18.16 6.33 -1.94
CA THR A 141 18.93 7.55 -1.56
C THR A 141 18.12 8.30 -0.49
N LYS A 142 16.87 8.68 -0.78
CA LYS A 142 16.12 9.56 0.16
C LYS A 142 15.82 8.79 1.45
N THR A 143 15.48 7.50 1.40
CA THR A 143 15.03 6.74 2.60
C THR A 143 16.17 6.71 3.62
N ALA A 144 17.39 6.58 3.13
CA ALA A 144 18.62 6.53 3.93
C ALA A 144 18.85 7.85 4.69
N ALA A 145 18.82 8.96 3.96
CA ALA A 145 18.91 10.35 4.48
C ALA A 145 17.75 10.63 5.44
N TYR A 146 16.49 10.35 5.04
CA TYR A 146 15.29 10.60 5.87
C TYR A 146 15.27 9.78 7.18
N GLU A 147 15.76 8.55 7.21
CA GLU A 147 15.89 7.75 8.47
C GLU A 147 16.78 8.48 9.50
N LYS A 148 17.94 8.99 9.09
CA LYS A 148 18.88 9.65 10.05
C LYS A 148 18.19 10.88 10.64
N GLU A 149 17.52 11.64 9.77
CA GLU A 149 16.82 12.88 10.21
C GLU A 149 15.77 12.56 11.25
N VAL A 150 14.93 11.55 11.01
CA VAL A 150 13.77 11.28 11.89
C VAL A 150 14.30 10.67 13.18
N LYS A 151 15.37 9.88 13.13
CA LYS A 151 15.88 9.22 14.35
C LYS A 151 16.68 10.20 15.22
N ALA A 152 17.27 11.23 14.63
CA ALA A 152 17.95 12.33 15.36
C ALA A 152 16.89 13.02 16.23
N VAL A 153 15.65 13.07 15.77
CA VAL A 153 14.52 13.66 16.54
C VAL A 153 14.00 12.67 17.57
N THR A 154 13.67 11.43 17.18
CA THR A 154 12.98 10.47 18.06
C THR A 154 13.97 9.70 18.92
N GLY A 155 15.19 9.52 18.45
CA GLY A 155 16.12 8.53 19.00
C GLY A 155 16.06 7.28 18.17
N ASP A 156 17.21 6.60 18.02
CA ASP A 156 17.26 5.37 17.18
C ASP A 156 16.30 4.32 17.72
N LYS A 157 15.98 4.29 19.02
CA LYS A 157 15.29 3.14 19.66
C LYS A 157 13.78 3.36 19.77
N ALA A 158 13.27 4.50 19.29
CA ALA A 158 11.85 4.86 19.56
C ALA A 158 10.94 3.81 18.89
N THR A 159 9.87 3.43 19.54
CA THR A 159 8.90 2.44 19.03
C THR A 159 7.76 3.12 18.30
N PHE A 160 7.41 2.54 17.17
CA PHE A 160 6.26 2.98 16.36
C PHE A 160 5.26 1.85 16.24
N THR A 161 3.97 2.17 16.31
CA THR A 161 2.88 1.24 15.95
C THR A 161 2.07 1.81 14.80
N ILE A 162 1.73 0.96 13.84
CA ILE A 162 0.86 1.28 12.68
C ILE A 162 -0.55 0.81 13.05
N MET A 163 -1.53 1.69 12.95
CA MET A 163 -2.93 1.24 13.19
C MET A 163 -3.83 1.87 12.13
N GLY A 164 -5.02 1.33 11.96
CA GLY A 164 -6.05 1.89 11.07
C GLY A 164 -7.44 1.69 11.60
N LEU A 165 -8.31 2.60 11.22
CA LEU A 165 -9.74 2.61 11.65
C LEU A 165 -10.58 2.45 10.41
N TYR A 166 -11.61 1.65 10.51
CA TYR A 166 -12.64 1.55 9.46
C TYR A 166 -13.98 1.35 10.14
N GLU A 167 -14.88 2.32 10.03
CA GLU A 167 -16.18 2.28 10.74
C GLU A 167 -15.89 2.02 12.23
N LYS A 168 -16.38 0.92 12.79
CA LYS A 168 -16.18 0.62 14.22
C LYS A 168 -15.03 -0.39 14.38
N ASP A 169 -14.27 -0.63 13.34
CA ASP A 169 -13.19 -1.65 13.32
C ASP A 169 -11.87 -0.95 13.64
N VAL A 170 -11.04 -1.58 14.46
CA VAL A 170 -9.68 -1.10 14.80
C VAL A 170 -8.70 -2.22 14.40
N TYR A 171 -7.65 -1.89 13.68
CA TYR A 171 -6.59 -2.84 13.25
C TYR A 171 -5.23 -2.31 13.64
N LEU A 172 -4.31 -3.22 13.93
CA LEU A 172 -2.87 -2.97 13.94
C LEU A 172 -2.31 -3.60 12.67
N PHE A 173 -1.21 -3.04 12.20
CA PHE A 173 -0.46 -3.49 11.00
C PHE A 173 1.00 -3.65 11.36
N GLY A 174 1.68 -4.55 10.64
CA GLY A 174 3.13 -4.77 10.82
C GLY A 174 3.96 -3.93 9.85
N LYS A 175 4.93 -4.58 9.24
CA LYS A 175 5.95 -3.92 8.41
C LYS A 175 5.52 -3.92 6.96
N ASP A 176 4.50 -4.68 6.59
CA ASP A 176 4.20 -5.00 5.18
C ASP A 176 2.72 -5.21 4.93
N TRP A 177 1.88 -4.34 5.51
CA TRP A 177 0.43 -4.38 5.25
C TRP A 177 -0.06 -2.95 5.06
N GLY A 178 0.80 -2.08 4.53
CA GLY A 178 0.43 -0.66 4.30
C GLY A 178 0.26 0.19 5.57
N ARG A 179 -0.50 1.28 5.44
CA ARG A 179 -0.74 2.29 6.47
C ARG A 179 0.60 2.90 6.92
N GLY A 180 1.59 2.92 6.04
CA GLY A 180 2.90 3.50 6.32
C GLY A 180 3.85 2.54 7.01
N GLY A 181 3.48 1.26 7.25
CA GLY A 181 4.39 0.33 7.94
C GLY A 181 5.63 0.05 7.13
N GLU A 182 5.51 0.02 5.81
CA GLU A 182 6.69 -0.22 4.94
C GLU A 182 7.71 0.93 5.16
N ILE A 183 7.27 2.18 5.12
CA ILE A 183 8.22 3.30 5.40
C ILE A 183 8.73 3.24 6.83
N ILE A 184 7.83 3.14 7.81
CA ILE A 184 8.23 3.25 9.24
C ILE A 184 9.17 2.10 9.61
N HIS A 185 8.78 0.88 9.30
CA HIS A 185 9.47 -0.32 9.84
C HIS A 185 10.51 -0.83 8.83
N GLN A 186 10.31 -0.69 7.52
CA GLN A 186 11.31 -1.19 6.54
C GLN A 186 12.26 -0.05 6.17
N ALA A 187 11.75 1.09 5.76
CA ALA A 187 12.59 2.16 5.16
C ALA A 187 13.38 2.90 6.23
N PHE A 188 12.73 3.20 7.36
CA PHE A 188 13.28 3.93 8.52
C PHE A 188 13.80 2.94 9.55
N HIS A 189 13.55 1.63 9.40
CA HIS A 189 13.99 0.61 10.37
C HIS A 189 13.55 0.99 11.80
N TYR A 190 12.33 1.42 12.01
CA TYR A 190 11.86 1.71 13.39
C TYR A 190 11.37 0.41 14.01
N ASP A 191 11.78 0.20 15.26
CA ASP A 191 11.26 -0.85 16.16
C ASP A 191 9.77 -0.56 16.38
N ALA A 192 9.05 -1.62 16.75
CA ALA A 192 7.66 -1.59 17.24
C ALA A 192 7.65 -2.11 18.66
N PRO A 193 6.59 -1.79 19.44
CA PRO A 193 6.42 -2.38 20.76
C PRO A 193 6.33 -3.91 20.76
N GLU A 194 6.67 -4.52 21.90
CA GLU A 194 6.88 -5.98 22.03
C GLU A 194 5.66 -6.76 21.51
N LYS A 195 4.45 -6.40 21.96
CA LYS A 195 3.20 -7.13 21.58
C LYS A 195 2.90 -6.93 20.09
N VAL A 196 3.36 -5.85 19.47
CA VAL A 196 3.14 -5.65 18.02
C VAL A 196 4.05 -6.63 17.29
N LYS A 197 5.27 -6.73 17.74
CA LYS A 197 6.26 -7.68 17.17
C LYS A 197 5.75 -9.12 17.27
N THR A 198 5.21 -9.53 18.43
CA THR A 198 4.90 -10.96 18.69
C THR A 198 3.49 -11.27 18.19
N GLU A 199 2.60 -10.30 18.01
CA GLU A 199 1.16 -10.59 17.68
C GLU A 199 0.68 -10.01 16.35
N VAL A 200 1.46 -9.14 15.72
CA VAL A 200 1.03 -8.46 14.48
C VAL A 200 2.00 -8.73 13.34
N PHE A 201 3.32 -8.69 13.56
CA PHE A 201 4.29 -8.65 12.43
C PHE A 201 4.15 -9.88 11.55
N LYS A 202 4.07 -11.06 12.13
CA LYS A 202 4.11 -12.27 11.30
C LYS A 202 2.84 -12.27 10.42
N GLN A 203 1.68 -12.07 11.04
CA GLN A 203 0.38 -12.23 10.32
C GLN A 203 0.05 -10.98 9.54
N GLY A 204 0.74 -9.85 9.77
CA GLY A 204 0.66 -8.67 8.89
C GLY A 204 -0.34 -7.64 9.39
N TYR A 205 -1.46 -8.11 9.88
CA TYR A 205 -2.56 -7.26 10.38
C TYR A 205 -3.26 -8.01 11.49
N LEU A 206 -3.87 -7.25 12.40
CA LEU A 206 -4.58 -7.81 13.55
C LEU A 206 -5.78 -6.92 13.83
N SER A 207 -6.96 -7.51 13.78
CA SER A 207 -8.20 -6.87 14.25
C SER A 207 -8.19 -6.88 15.79
N LEU A 208 -8.30 -5.71 16.40
CA LEU A 208 -7.99 -5.47 17.82
C LEU A 208 -9.22 -4.90 18.50
N SER A 209 -9.49 -5.32 19.73
CA SER A 209 -10.41 -4.60 20.65
C SER A 209 -9.83 -3.22 20.95
N GLN A 210 -10.62 -2.17 20.76
CA GLN A 210 -10.35 -0.78 21.20
C GLN A 210 -9.74 -0.77 22.62
N GLU A 211 -10.23 -1.67 23.49
CA GLU A 211 -9.95 -1.67 24.94
C GLU A 211 -8.48 -1.97 25.27
N VAL A 212 -7.73 -2.67 24.41
CA VAL A 212 -6.34 -3.08 24.74
C VAL A 212 -5.33 -2.19 24.01
N LEU A 213 -5.76 -1.13 23.34
CA LEU A 213 -4.85 -0.32 22.49
C LEU A 213 -3.61 0.13 23.28
N PRO A 214 -3.72 0.55 24.55
CA PRO A 214 -2.52 0.99 25.29
C PRO A 214 -1.36 -0.01 25.36
N ASP A 215 -1.63 -1.31 25.29
CA ASP A 215 -0.58 -2.33 25.50
C ASP A 215 0.18 -2.57 24.18
N TYR A 216 -0.21 -1.91 23.08
CA TYR A 216 0.40 -2.10 21.74
C TYR A 216 1.00 -0.79 21.25
N ILE A 217 1.06 0.23 22.09
CA ILE A 217 1.52 1.59 21.69
C ILE A 217 2.58 2.05 22.68
N GLY A 218 3.79 2.34 22.16
CA GLY A 218 4.98 2.81 22.90
C GLY A 218 5.21 4.30 22.64
N ASP A 219 6.20 4.67 21.83
CA ASP A 219 6.62 6.09 21.67
C ASP A 219 5.68 6.84 20.68
N TYR A 220 5.34 6.27 19.53
CA TYR A 220 4.67 6.96 18.39
C TYR A 220 3.60 6.04 17.84
N VAL A 221 2.51 6.61 17.32
CA VAL A 221 1.47 5.78 16.65
C VAL A 221 1.07 6.51 15.38
N VAL A 222 1.09 5.77 14.27
CA VAL A 222 0.57 6.23 12.97
C VAL A 222 -0.83 5.65 12.80
N ILE A 223 -1.84 6.51 12.64
CA ILE A 223 -3.24 6.01 12.56
C ILE A 223 -3.83 6.42 11.21
N ALA A 224 -4.24 5.44 10.41
CA ALA A 224 -4.85 5.63 9.07
C ALA A 224 -6.37 5.60 9.22
N ALA A 225 -7.03 6.56 8.56
CA ALA A 225 -8.49 6.61 8.48
C ALA A 225 -8.86 7.28 7.16
N GLU A 226 -10.03 6.93 6.64
CA GLU A 226 -10.51 7.43 5.34
C GLU A 226 -11.14 8.82 5.48
N ASP A 227 -11.51 9.24 6.68
CA ASP A 227 -12.08 10.59 6.87
C ASP A 227 -11.84 11.06 8.30
N ASP A 228 -12.20 12.30 8.60
CA ASP A 228 -11.95 12.88 9.94
C ASP A 228 -12.94 12.29 10.94
N LYS A 229 -14.15 11.89 10.56
CA LYS A 229 -15.18 11.56 11.58
C LYS A 229 -14.92 10.16 12.16
N THR A 230 -14.29 9.28 11.42
CA THR A 230 -14.11 7.87 11.85
C THR A 230 -13.41 7.81 13.22
N GLY A 231 -12.38 8.62 13.47
CA GLY A 231 -11.64 8.55 14.76
C GLY A 231 -12.38 9.07 16.02
N SER A 232 -13.49 9.81 15.88
CA SER A 232 -14.15 10.62 16.95
C SER A 232 -14.31 9.91 18.30
N ALA A 233 -15.16 8.87 18.41
CA ALA A 233 -15.49 8.18 19.68
C ALA A 233 -14.24 7.60 20.37
N LEU A 234 -13.37 6.88 19.65
CA LEU A 234 -12.07 6.44 20.22
C LEU A 234 -11.31 7.64 20.81
N TYR A 235 -11.03 8.67 20.00
CA TYR A 235 -10.12 9.77 20.37
C TYR A 235 -10.72 10.56 21.56
N GLU A 236 -12.05 10.54 21.64
CA GLU A 236 -12.78 11.18 22.75
C GLU A 236 -12.68 10.33 24.02
N SER A 237 -12.30 9.06 23.94
CA SER A 237 -12.43 8.12 25.09
C SER A 237 -11.33 8.44 26.09
N LYS A 238 -11.55 8.12 27.37
CA LYS A 238 -10.56 8.26 28.46
C LYS A 238 -9.41 7.29 28.18
N LEU A 239 -9.76 6.06 27.83
CA LEU A 239 -8.75 4.99 27.57
C LEU A 239 -7.70 5.54 26.59
N TRP A 240 -8.16 6.15 25.51
CA TRP A 240 -7.25 6.65 24.46
C TRP A 240 -6.46 7.80 25.04
N GLN A 241 -7.11 8.75 25.72
CA GLN A 241 -6.41 9.95 26.23
C GLN A 241 -5.42 9.52 27.33
N SER A 242 -5.53 8.29 27.85
CA SER A 242 -4.65 7.75 28.93
C SER A 242 -3.32 7.27 28.38
N ILE A 243 -3.22 7.11 27.06
CA ILE A 243 -1.99 6.57 26.42
C ILE A 243 -0.87 7.59 26.42
N PRO A 244 0.33 7.29 26.99
CA PRO A 244 1.43 8.26 26.94
C PRO A 244 1.70 8.85 25.55
N ALA A 245 1.69 8.03 24.49
CA ALA A 245 1.94 8.54 23.13
C ALA A 245 0.93 9.64 22.79
N VAL A 246 -0.32 9.54 23.28
CA VAL A 246 -1.40 10.54 22.97
C VAL A 246 -1.12 11.81 23.74
N LYS A 247 -0.85 11.67 25.04
CA LYS A 247 -0.53 12.82 25.93
C LYS A 247 0.67 13.56 25.36
N LYS A 248 1.64 12.85 24.80
CA LYS A 248 2.90 13.49 24.32
C LYS A 248 2.77 14.02 22.89
N HIS A 249 1.57 13.93 22.30
CA HIS A 249 1.27 14.40 20.94
C HIS A 249 2.19 13.64 19.97
N HIS A 250 2.26 12.31 20.10
CA HIS A 250 3.12 11.45 19.25
C HIS A 250 2.19 10.61 18.37
N VAL A 251 0.99 11.13 18.08
CA VAL A 251 0.01 10.52 17.14
C VAL A 251 0.18 11.19 15.78
N ILE A 252 0.37 10.41 14.72
CA ILE A 252 0.42 10.88 13.31
C ILE A 252 -0.81 10.30 12.60
N LYS A 253 -1.80 11.18 12.36
CA LYS A 253 -3.07 10.79 11.70
C LYS A 253 -2.85 10.92 10.20
N VAL A 254 -3.06 9.83 9.47
CA VAL A 254 -2.76 9.81 8.01
C VAL A 254 -4.03 9.46 7.23
N ASN A 255 -4.04 9.88 5.98
CA ASN A 255 -5.15 9.67 5.02
C ASN A 255 -5.08 8.24 4.47
N ALA A 256 -5.93 7.33 4.96
CA ALA A 256 -5.96 5.94 4.45
C ALA A 256 -6.15 5.91 2.93
N ASN A 257 -6.91 6.84 2.34
CA ASN A 257 -7.22 6.76 0.89
C ASN A 257 -5.94 6.75 0.03
N VAL A 258 -4.80 7.23 0.54
CA VAL A 258 -3.48 6.96 -0.13
C VAL A 258 -2.64 6.02 0.73
N PHE A 259 -2.74 6.02 2.05
CA PHE A 259 -1.82 5.24 2.91
C PHE A 259 -2.16 3.74 2.90
N TYR A 260 -3.28 3.33 2.31
CA TYR A 260 -3.55 1.88 2.12
C TYR A 260 -2.47 1.26 1.23
N PHE A 261 -1.78 2.04 0.40
CA PHE A 261 -1.06 1.47 -0.76
C PHE A 261 0.44 1.55 -0.59
N THR A 262 1.16 0.78 -1.43
CA THR A 262 2.66 0.79 -1.40
C THR A 262 3.24 1.00 -2.81
N ASP A 263 2.44 1.46 -3.73
CA ASP A 263 2.96 1.80 -5.09
C ASP A 263 3.85 3.04 -4.98
N PRO A 264 4.80 3.24 -5.91
CA PRO A 264 5.75 4.35 -5.82
C PRO A 264 5.12 5.73 -5.75
N LEU A 265 3.98 5.95 -6.40
CA LEU A 265 3.40 7.31 -6.37
C LEU A 265 2.86 7.60 -4.97
N SER A 266 2.07 6.67 -4.46
CA SER A 266 1.53 6.73 -3.08
C SER A 266 2.69 6.87 -2.08
N LEU A 267 3.74 6.04 -2.22
CA LEU A 267 4.89 6.08 -1.26
C LEU A 267 5.58 7.43 -1.24
N GLU A 268 5.78 8.07 -2.39
CA GLU A 268 6.42 9.41 -2.46
C GLU A 268 5.70 10.35 -1.50
N TYR A 269 4.37 10.39 -1.60
CA TYR A 269 3.52 11.25 -0.74
C TYR A 269 3.66 10.78 0.70
N GLN A 270 3.61 9.47 0.95
CA GLN A 270 3.62 8.97 2.35
C GLN A 270 4.96 9.30 2.99
N LEU A 271 6.06 9.18 2.23
CA LEU A 271 7.43 9.42 2.81
C LEU A 271 7.57 10.87 3.26
N GLU A 272 7.19 11.84 2.42
CA GLU A 272 7.34 13.27 2.81
C GLU A 272 6.43 13.51 4.04
N THR A 273 5.23 12.93 4.03
CA THR A 273 4.18 13.18 5.05
C THR A 273 4.67 12.67 6.41
N LEU A 274 5.21 11.46 6.42
CA LEU A 274 5.68 10.83 7.68
C LEU A 274 6.94 11.56 8.18
N ARG A 275 7.88 11.83 7.28
CA ARG A 275 9.10 12.58 7.65
C ARG A 275 8.70 13.90 8.32
N GLU A 276 7.82 14.67 7.67
CA GLU A 276 7.43 16.00 8.19
C GLU A 276 6.75 15.79 9.56
N ALA A 277 5.90 14.78 9.73
CA ALA A 277 5.15 14.56 10.99
C ALA A 277 6.14 14.26 12.12
N ILE A 278 7.13 13.42 11.86
CA ILE A 278 8.09 13.00 12.90
C ILE A 278 8.96 14.21 13.26
N LEU A 279 9.44 14.95 12.27
CA LEU A 279 10.34 16.09 12.53
C LEU A 279 9.58 17.15 13.33
N SER A 280 8.31 17.41 13.02
CA SER A 280 7.52 18.46 13.72
C SER A 280 7.16 18.04 15.15
N SER A 281 7.10 16.74 15.47
CA SER A 281 6.63 16.25 16.80
C SER A 281 7.42 16.91 17.97
#